data_1EMT
#
_entry.id   1EMT
#
_cell.length_a   57.900
_cell.length_b   65.745
_cell.length_c   65.562
_cell.angle_alpha   90.00
_cell.angle_beta   112.45
_cell.angle_gamma   90.00
#
_symmetry.space_group_name_H-M   'P 1 21 1'
#
loop_
_entity.id
_entity.type
_entity.pdbx_description
1 polymer 'IGG ANTIBODY (LIGHT CHAIN)'
2 polymer 'IGG ANTIBODY (HEAVY CHAIN)'
3 water water
#
loop_
_entity_poly.entity_id
_entity_poly.type
_entity_poly.pdbx_seq_one_letter_code
_entity_poly.pdbx_strand_id
1 'polypeptide(L)'
;DIQMTQTTSSLSASLGDRVTFSCSASQDISNYLNWYQQKPDGTIKLLIYYTSSLRSGVPSRFSGSGSGTDYSLTINNLEP
EDIATYFCQQYSRLPFTFGSGTKLEIKRADAAPTVSIFPPSSEQLTSGGASVVCFLNNFYPKDINVKWKIDGSERQNGVL
NSWTDQDSKDSTYSMSSTLTLTKDEYERHNSYTCEATHKTSTSPIVKSFNRNEC
;
L
2 'polypeptide(L)'
;QVHLQESGPELVRPGASVKISCKTSGYVFSSSWMNWVKQRPGQGLKWIGRIYPGNGNTNYNEKFKGKATLTADKSSNTAY
MQLSSLTSVDSAVYFCATSSAYWGQGTLLTVSAAKTTPPSVYPLAPGSAAQTNSMVTLGCLVKGYFPEPVTVTWNSGSLS
SGVHTFPAVLQSDLYTLSSSVTVPSSPRPSETVTCNVAHPASSTKVDKKIVPR
;
H
#
# COMPACT_ATOMS: atom_id res chain seq x y z
N ASP A 1 15.16 5.98 -25.27
CA ASP A 1 14.62 4.84 -24.48
C ASP A 1 13.45 4.17 -25.20
N ILE A 2 13.25 2.89 -24.94
CA ILE A 2 12.10 2.22 -25.56
C ILE A 2 10.83 2.51 -24.72
N GLN A 3 9.83 3.15 -25.29
CA GLN A 3 8.61 3.39 -24.52
C GLN A 3 7.71 2.15 -24.54
N MET A 4 7.38 1.59 -23.37
CA MET A 4 6.47 0.43 -23.27
C MET A 4 5.10 0.98 -22.90
N THR A 5 4.10 0.67 -23.69
CA THR A 5 2.79 1.16 -23.36
C THR A 5 1.72 0.06 -23.30
N GLN A 6 0.85 0.18 -22.30
CA GLN A 6 -0.22 -0.75 -22.05
C GLN A 6 -1.49 -0.21 -22.67
N THR A 7 -2.36 -1.07 -23.16
CA THR A 7 -3.62 -0.65 -23.78
C THR A 7 -4.55 0.19 -22.83
N THR A 8 -4.65 -0.15 -21.54
CA THR A 8 -5.49 0.60 -20.60
C THR A 8 -4.78 0.60 -19.26
N SER A 9 -5.22 1.47 -18.35
CA SER A 9 -4.70 1.62 -16.99
C SER A 9 -5.48 0.74 -16.05
N SER A 10 -6.67 0.31 -16.48
CA SER A 10 -7.45 -0.62 -15.64
C SER A 10 -8.30 -1.53 -16.52
N LEU A 11 -8.79 -2.65 -15.98
CA LEU A 11 -9.66 -3.63 -16.69
C LEU A 11 -10.52 -4.25 -15.61
N SER A 12 -11.78 -4.52 -15.90
CA SER A 12 -12.68 -5.19 -14.94
C SER A 12 -13.08 -6.55 -15.48
N ALA A 13 -13.30 -7.48 -14.59
CA ALA A 13 -13.72 -8.79 -15.01
C ALA A 13 -14.33 -9.49 -13.82
N SER A 14 -15.18 -10.47 -14.09
CA SER A 14 -15.86 -11.28 -13.07
C SER A 14 -14.96 -12.45 -12.68
N LEU A 15 -15.15 -12.97 -11.44
CA LEU A 15 -14.43 -14.12 -10.89
C LEU A 15 -14.65 -15.24 -11.88
N GLY A 16 -13.60 -16.00 -12.19
CA GLY A 16 -13.75 -17.11 -13.12
C GLY A 16 -13.61 -16.82 -14.60
N ASP A 17 -13.71 -15.55 -14.97
CA ASP A 17 -13.56 -15.12 -16.35
C ASP A 17 -12.08 -15.12 -16.70
N ARG A 18 -11.79 -14.74 -17.93
CA ARG A 18 -10.40 -14.63 -18.30
C ARG A 18 -10.13 -13.21 -18.83
N VAL A 19 -8.93 -12.69 -18.56
CA VAL A 19 -8.58 -11.36 -19.05
C VAL A 19 -7.28 -11.39 -19.81
N THR A 20 -7.03 -10.32 -20.57
CA THR A 20 -5.81 -10.18 -21.33
C THR A 20 -5.32 -8.75 -21.17
N PHE A 21 -4.07 -8.59 -20.75
CA PHE A 21 -3.48 -7.29 -20.59
C PHE A 21 -2.61 -7.25 -21.85
N SER A 22 -2.34 -6.04 -22.35
CA SER A 22 -1.60 -5.84 -23.58
C SER A 22 -0.50 -4.78 -23.64
N CYS A 23 0.60 -5.08 -24.31
CA CYS A 23 1.63 -4.04 -24.44
C CYS A 23 2.16 -3.94 -25.86
N SER A 24 2.60 -2.75 -26.24
CA SER A 24 3.26 -2.54 -27.53
C SER A 24 4.45 -1.68 -27.20
N ALA A 25 5.59 -2.12 -27.69
CA ALA A 25 6.89 -1.44 -27.54
C ALA A 25 7.03 -0.35 -28.63
N SER A 26 7.95 0.60 -28.46
CA SER A 26 8.17 1.67 -29.43
C SER A 26 9.15 1.23 -30.50
N GLN A 27 9.73 0.04 -30.29
CA GLN A 27 10.61 -0.60 -31.29
C GLN A 27 10.63 -2.13 -30.99
N ASP A 28 10.94 -2.91 -32.00
CA ASP A 28 11.01 -4.38 -31.83
C ASP A 28 11.90 -4.77 -30.65
N ILE A 29 11.46 -5.71 -29.81
CA ILE A 29 12.28 -6.13 -28.65
C ILE A 29 12.58 -7.64 -28.66
N SER A 30 12.34 -8.21 -29.85
CA SER A 30 12.69 -9.57 -30.16
C SER A 30 12.39 -10.55 -29.06
N ASN A 31 11.14 -10.53 -28.60
CA ASN A 31 10.64 -11.46 -27.59
C ASN A 31 11.23 -11.34 -26.18
N TYR A 32 12.05 -10.32 -25.98
CA TYR A 32 12.65 -10.07 -24.68
C TYR A 32 11.66 -9.30 -23.80
N LEU A 33 10.63 -10.01 -23.33
CA LEU A 33 9.57 -9.40 -22.56
C LEU A 33 9.06 -10.15 -21.35
N ASN A 34 8.98 -9.43 -20.24
CA ASN A 34 8.55 -9.96 -18.98
C ASN A 34 7.20 -9.39 -18.53
N TRP A 35 6.41 -10.18 -17.81
CA TRP A 35 5.16 -9.71 -17.26
C TRP A 35 5.28 -9.85 -15.76
N TYR A 36 4.93 -8.78 -15.02
CA TYR A 36 4.93 -8.76 -13.54
C TYR A 36 3.57 -8.43 -12.97
N GLN A 37 3.44 -8.76 -11.68
CA GLN A 37 2.24 -8.60 -10.93
C GLN A 37 2.59 -7.90 -9.67
N GLN A 38 2.03 -6.72 -9.43
CA GLN A 38 2.29 -6.04 -8.18
C GLN A 38 1.00 -6.00 -7.37
N LYS A 39 1.00 -6.62 -6.19
CA LYS A 39 -0.15 -6.67 -5.27
C LYS A 39 -0.20 -5.34 -4.55
N PRO A 40 -1.34 -4.98 -3.95
CA PRO A 40 -1.54 -3.72 -3.20
C PRO A 40 -0.44 -3.43 -2.20
N ASP A 41 -0.14 -4.41 -1.34
CA ASP A 41 0.94 -4.22 -0.35
C ASP A 41 2.26 -3.84 -0.96
N GLY A 42 2.37 -3.90 -2.28
CA GLY A 42 3.61 -3.58 -2.95
C GLY A 42 4.56 -4.72 -3.33
N THR A 43 4.25 -5.97 -2.97
CA THR A 43 5.15 -7.05 -3.36
C THR A 43 5.00 -7.26 -4.87
N ILE A 44 6.14 -7.50 -5.53
CA ILE A 44 6.20 -7.71 -6.99
C ILE A 44 6.67 -9.14 -7.27
N LYS A 45 6.17 -9.76 -8.33
CA LYS A 45 6.64 -11.07 -8.72
C LYS A 45 6.41 -11.40 -10.22
N LEU A 46 7.45 -11.98 -10.83
CA LEU A 46 7.49 -12.34 -12.23
C LEU A 46 6.48 -13.39 -12.59
N LEU A 47 5.70 -13.18 -13.63
CA LEU A 47 4.73 -14.21 -14.05
C LEU A 47 5.23 -14.90 -15.30
N ILE A 48 5.52 -14.09 -16.32
CA ILE A 48 5.99 -14.60 -17.57
C ILE A 48 7.31 -13.94 -18.00
N TYR A 49 8.31 -14.75 -18.38
CA TYR A 49 9.58 -14.22 -18.87
C TYR A 49 9.77 -14.60 -20.33
N TYR A 50 10.67 -13.89 -21.02
CA TYR A 50 10.91 -14.12 -22.44
C TYR A 50 9.59 -14.40 -23.22
N THR A 51 8.63 -13.47 -23.12
CA THR A 51 7.34 -13.59 -23.82
C THR A 51 6.29 -14.65 -23.42
N SER A 52 6.66 -15.95 -23.34
CA SER A 52 5.67 -16.96 -23.02
C SER A 52 6.04 -18.02 -22.02
N SER A 53 7.24 -17.95 -21.46
CA SER A 53 7.61 -18.97 -20.48
C SER A 53 7.17 -18.58 -19.07
N LEU A 54 6.37 -19.43 -18.42
CA LEU A 54 5.99 -19.12 -17.04
C LEU A 54 7.04 -19.55 -15.98
N ARG A 55 7.20 -18.61 -15.04
CA ARG A 55 8.11 -18.73 -13.91
C ARG A 55 7.65 -19.92 -13.13
N SER A 56 8.60 -20.62 -12.59
CA SER A 56 8.35 -21.78 -11.80
C SER A 56 7.43 -21.34 -10.64
N GLY A 57 6.36 -22.08 -10.42
CA GLY A 57 5.48 -21.74 -9.33
C GLY A 57 4.20 -21.07 -9.77
N VAL A 58 4.26 -20.26 -10.83
CA VAL A 58 3.12 -19.55 -11.34
C VAL A 58 2.14 -20.49 -12.03
N PRO A 59 0.85 -20.43 -11.66
CA PRO A 59 -0.13 -21.32 -12.30
C PRO A 59 -0.33 -21.19 -13.81
N SER A 60 -0.64 -22.33 -14.39
CA SER A 60 -0.81 -22.45 -15.82
C SER A 60 -1.95 -21.68 -16.42
N ARG A 61 -2.88 -21.17 -15.60
CA ARG A 61 -3.97 -20.37 -16.17
C ARG A 61 -3.34 -19.05 -16.63
N PHE A 62 -2.10 -18.79 -16.21
CA PHE A 62 -1.39 -17.59 -16.64
C PHE A 62 -0.64 -17.97 -17.93
N SER A 63 -0.69 -17.10 -18.95
CA SER A 63 0.03 -17.36 -20.19
C SER A 63 0.34 -16.05 -20.87
N GLY A 64 1.41 -16.08 -21.63
CA GLY A 64 1.86 -14.92 -22.37
C GLY A 64 2.08 -15.23 -23.85
N SER A 65 2.09 -14.22 -24.70
CA SER A 65 2.29 -14.48 -26.11
C SER A 65 2.55 -13.18 -26.86
N GLY A 66 2.90 -13.28 -28.15
CA GLY A 66 3.18 -12.11 -28.97
C GLY A 66 4.60 -12.04 -29.50
N SER A 67 4.91 -11.03 -30.33
CA SER A 67 6.24 -10.83 -30.89
C SER A 67 6.41 -9.43 -31.44
N GLY A 68 7.63 -9.12 -31.86
CA GLY A 68 7.86 -7.81 -32.44
C GLY A 68 7.69 -6.78 -31.37
N THR A 69 6.70 -5.92 -31.50
CA THR A 69 6.48 -4.91 -30.48
C THR A 69 5.23 -5.17 -29.64
N ASP A 70 4.44 -6.16 -30.06
CA ASP A 70 3.15 -6.47 -29.46
C ASP A 70 3.10 -7.73 -28.61
N TYR A 71 2.72 -7.59 -27.34
CA TYR A 71 2.70 -8.71 -26.42
C TYR A 71 1.47 -8.77 -25.52
N SER A 72 1.10 -9.99 -25.14
CA SER A 72 -0.05 -10.26 -24.36
C SER A 72 0.18 -11.20 -23.19
N LEU A 73 -0.55 -10.91 -22.11
CA LEU A 73 -0.60 -11.69 -20.88
C LEU A 73 -2.10 -12.04 -20.66
N THR A 74 -2.39 -13.30 -20.55
CA THR A 74 -3.77 -13.77 -20.35
C THR A 74 -3.90 -14.49 -19.01
N ILE A 75 -5.00 -14.23 -18.32
CA ILE A 75 -5.26 -14.96 -17.09
C ILE A 75 -6.58 -15.70 -17.25
N ASN A 76 -6.59 -17.00 -17.06
CA ASN A 76 -7.84 -17.72 -17.15
C ASN A 76 -8.28 -18.02 -15.71
N ASN A 77 -9.57 -18.32 -15.53
CA ASN A 77 -10.08 -18.59 -14.20
C ASN A 77 -9.77 -17.54 -13.14
N LEU A 78 -10.02 -16.26 -13.43
CA LEU A 78 -9.73 -15.21 -12.48
C LEU A 78 -10.16 -15.60 -11.10
N GLU A 79 -9.40 -15.20 -10.10
CA GLU A 79 -9.78 -15.48 -8.74
C GLU A 79 -9.38 -14.21 -7.97
N PRO A 80 -9.93 -14.00 -6.78
CA PRO A 80 -9.63 -12.82 -5.96
C PRO A 80 -8.15 -12.44 -5.74
N GLU A 81 -7.29 -13.43 -5.58
CA GLU A 81 -5.86 -13.21 -5.39
C GLU A 81 -5.22 -12.55 -6.63
N ASP A 82 -5.97 -12.47 -7.72
CA ASP A 82 -5.44 -11.89 -8.93
C ASP A 82 -5.59 -10.40 -8.95
N ILE A 83 -6.23 -9.85 -7.92
CA ILE A 83 -6.41 -8.39 -7.82
C ILE A 83 -5.03 -7.78 -7.68
N ALA A 84 -4.64 -6.95 -8.66
CA ALA A 84 -3.31 -6.36 -8.67
C ALA A 84 -3.10 -5.58 -9.93
N THR A 85 -1.90 -5.02 -10.07
CA THR A 85 -1.56 -4.25 -11.28
C THR A 85 -0.59 -5.06 -12.06
N TYR A 86 -0.87 -5.23 -13.33
CA TYR A 86 0.04 -6.02 -14.13
C TYR A 86 0.83 -5.14 -15.07
N PHE A 87 2.13 -5.42 -15.17
CA PHE A 87 2.97 -4.64 -16.08
C PHE A 87 3.96 -5.43 -16.88
N CYS A 88 4.27 -4.91 -18.05
CA CYS A 88 5.22 -5.55 -18.93
C CYS A 88 6.57 -4.79 -18.85
N GLN A 89 7.67 -5.46 -19.17
CA GLN A 89 8.97 -4.83 -19.09
C GLN A 89 9.79 -5.41 -20.20
N GLN A 90 10.58 -4.61 -20.91
CA GLN A 90 11.43 -5.16 -21.98
C GLN A 90 12.86 -5.18 -21.47
N TYR A 91 13.65 -6.20 -21.84
CA TYR A 91 15.06 -6.25 -21.40
C TYR A 91 15.92 -6.47 -22.64
N SER A 92 15.40 -5.98 -23.75
CA SER A 92 16.08 -6.05 -25.01
C SER A 92 17.25 -5.06 -25.07
N ARG A 93 16.99 -3.82 -24.64
CA ARG A 93 17.98 -2.81 -24.75
C ARG A 93 18.10 -2.01 -23.46
N LEU A 94 19.23 -1.36 -23.21
CA LEU A 94 19.34 -0.57 -21.99
C LEU A 94 18.98 0.87 -22.29
N PRO A 95 18.31 1.57 -21.36
CA PRO A 95 17.91 1.03 -20.04
C PRO A 95 16.64 0.15 -20.12
N PHE A 96 16.51 -0.83 -19.24
CA PHE A 96 15.28 -1.59 -19.26
C PHE A 96 14.12 -0.57 -18.97
N THR A 97 12.94 -0.87 -19.49
CA THR A 97 11.86 0.05 -19.31
C THR A 97 10.62 -0.74 -19.15
N PHE A 98 9.78 -0.24 -18.25
CA PHE A 98 8.51 -0.83 -17.82
C PHE A 98 7.30 -0.14 -18.38
N GLY A 99 6.16 -0.81 -18.40
CA GLY A 99 4.94 -0.19 -18.86
C GLY A 99 4.31 0.33 -17.56
N SER A 100 3.43 1.33 -17.58
CA SER A 100 2.93 1.90 -16.31
C SER A 100 1.94 1.09 -15.55
N GLY A 101 1.50 -0.04 -16.14
CA GLY A 101 0.63 -0.96 -15.46
C GLY A 101 -0.85 -0.97 -15.75
N THR A 102 -1.55 -2.02 -15.38
CA THR A 102 -2.98 -2.03 -15.65
C THR A 102 -3.54 -2.65 -14.41
N LYS A 103 -4.31 -1.90 -13.65
CA LYS A 103 -4.89 -2.43 -12.44
C LYS A 103 -5.98 -3.39 -12.84
N LEU A 104 -6.08 -4.53 -12.16
CA LEU A 104 -7.18 -5.45 -12.50
C LEU A 104 -8.30 -5.36 -11.48
N GLU A 105 -9.46 -4.92 -11.88
CA GLU A 105 -10.58 -4.81 -10.95
C GLU A 105 -11.47 -6.02 -11.15
N ILE A 106 -11.91 -6.63 -10.05
CA ILE A 106 -12.77 -7.79 -10.15
C ILE A 106 -14.24 -7.46 -9.81
N LYS A 107 -15.17 -7.83 -10.71
CA LYS A 107 -16.60 -7.56 -10.55
C LYS A 107 -17.14 -8.47 -9.50
N ARG A 108 -18.29 -8.16 -8.95
CA ARG A 108 -18.79 -8.99 -7.84
C ARG A 108 -20.21 -8.60 -7.44
N ALA A 109 -20.85 -9.42 -6.58
CA ALA A 109 -22.22 -9.11 -6.10
C ALA A 109 -22.28 -7.88 -5.20
N ASP A 110 -23.24 -7.00 -5.47
CA ASP A 110 -23.46 -5.76 -4.71
C ASP A 110 -23.49 -6.06 -3.23
N ALA A 111 -22.85 -5.23 -2.42
CA ALA A 111 -22.85 -5.48 -0.99
C ALA A 111 -22.92 -4.14 -0.23
N ALA A 112 -23.91 -4.00 0.66
CA ALA A 112 -24.06 -2.76 1.44
C ALA A 112 -22.92 -2.52 2.44
N PRO A 113 -22.66 -1.26 2.76
CA PRO A 113 -21.56 -1.10 3.71
C PRO A 113 -21.90 -1.42 5.15
N THR A 114 -20.89 -1.88 5.90
CA THR A 114 -21.10 -2.09 7.31
C THR A 114 -20.47 -0.84 7.88
N VAL A 115 -21.28 0.02 8.46
CA VAL A 115 -20.85 1.33 9.04
C VAL A 115 -20.66 1.43 10.56
N SER A 116 -19.58 2.02 10.99
CA SER A 116 -19.32 2.21 12.42
C SER A 116 -18.83 3.63 12.73
N ILE A 117 -19.38 4.26 13.77
CA ILE A 117 -18.94 5.62 14.21
C ILE A 117 -18.34 5.48 15.60
N PHE A 118 -17.25 6.20 15.80
CA PHE A 118 -16.53 6.15 17.07
C PHE A 118 -16.24 7.54 17.55
N PRO A 119 -16.61 7.88 18.78
CA PRO A 119 -16.29 9.23 19.21
C PRO A 119 -14.83 9.32 19.58
N PRO A 120 -14.34 10.56 19.80
CA PRO A 120 -12.94 10.72 20.19
C PRO A 120 -12.59 9.88 21.40
N SER A 121 -11.29 9.64 21.52
CA SER A 121 -10.73 8.88 22.62
C SER A 121 -10.60 9.87 23.78
N SER A 122 -10.82 9.39 25.00
CA SER A 122 -10.67 10.31 26.11
C SER A 122 -9.20 10.80 26.04
N GLU A 123 -8.30 9.83 25.83
CA GLU A 123 -6.88 10.09 25.70
C GLU A 123 -6.60 11.18 24.65
N GLN A 124 -7.40 11.26 23.60
CA GLN A 124 -7.15 12.33 22.64
C GLN A 124 -7.76 13.66 23.16
N LEU A 125 -8.94 13.55 23.75
CA LEU A 125 -9.60 14.74 24.31
C LEU A 125 -8.59 15.56 25.15
N THR A 126 -7.81 14.88 25.98
CA THR A 126 -6.78 15.55 26.79
C THR A 126 -5.76 16.29 25.89
N SER A 127 -5.16 15.58 24.94
CA SER A 127 -4.18 16.20 24.04
C SER A 127 -4.74 17.50 23.46
N GLY A 128 -6.01 17.81 23.76
CA GLY A 128 -6.59 19.04 23.24
C GLY A 128 -7.24 18.84 21.87
N GLY A 129 -7.20 17.60 21.41
CA GLY A 129 -7.78 17.28 20.11
C GLY A 129 -8.90 16.28 20.15
N ALA A 130 -9.68 16.25 19.07
CA ALA A 130 -10.79 15.31 18.99
C ALA A 130 -11.20 14.91 17.56
N SER A 131 -10.97 13.65 17.26
CA SER A 131 -11.31 13.10 15.95
C SER A 131 -12.53 12.18 16.03
N VAL A 132 -13.49 12.37 15.12
CA VAL A 132 -14.64 11.49 15.12
C VAL A 132 -14.46 10.57 13.94
N VAL A 133 -14.24 9.29 14.23
CA VAL A 133 -13.98 8.32 13.17
C VAL A 133 -15.17 7.52 12.74
N CYS A 134 -15.28 7.36 11.44
CA CYS A 134 -16.38 6.59 10.89
C CYS A 134 -15.87 5.63 9.82
N PHE A 135 -16.19 4.35 9.96
CA PHE A 135 -15.80 3.29 9.01
C PHE A 135 -16.97 2.77 8.17
N LEU A 136 -16.81 2.83 6.84
CA LEU A 136 -17.80 2.32 5.89
C LEU A 136 -17.13 1.08 5.38
N ASN A 137 -17.36 -0.04 6.07
CA ASN A 137 -16.64 -1.24 5.72
C ASN A 137 -17.21 -2.29 4.80
N ASN A 138 -16.34 -2.89 4.01
CA ASN A 138 -16.70 -3.97 3.09
C ASN A 138 -17.91 -3.82 2.14
N PHE A 139 -17.94 -2.84 1.28
CA PHE A 139 -19.06 -2.72 0.34
C PHE A 139 -18.65 -2.91 -1.18
N TYR A 140 -19.64 -3.02 -2.04
CA TYR A 140 -19.43 -3.18 -3.48
C TYR A 140 -20.71 -2.71 -4.17
N PRO A 141 -20.60 -1.85 -5.20
CA PRO A 141 -19.39 -1.28 -5.77
C PRO A 141 -18.73 -0.10 -5.04
N LYS A 142 -17.58 0.28 -5.59
CA LYS A 142 -16.70 1.32 -5.17
C LYS A 142 -17.27 2.62 -4.66
N ASP A 143 -18.21 3.19 -5.43
CA ASP A 143 -18.78 4.51 -5.14
C ASP A 143 -19.62 4.56 -3.85
N ILE A 144 -19.42 5.60 -3.06
CA ILE A 144 -20.15 5.73 -1.82
C ILE A 144 -19.91 7.14 -1.33
N ASN A 145 -20.90 7.72 -0.70
CA ASN A 145 -20.77 9.07 -0.13
C ASN A 145 -21.10 9.01 1.35
N VAL A 146 -20.37 9.80 2.14
CA VAL A 146 -20.63 9.88 3.56
C VAL A 146 -20.99 11.30 3.87
N LYS A 147 -21.98 11.47 4.71
CA LYS A 147 -22.37 12.80 5.06
C LYS A 147 -22.27 12.83 6.60
N TRP A 148 -21.70 13.91 7.13
CA TRP A 148 -21.52 14.10 8.56
C TRP A 148 -22.42 15.21 9.02
N LYS A 149 -22.96 15.01 10.23
CA LYS A 149 -23.84 15.99 10.87
C LYS A 149 -23.50 16.12 12.33
N ILE A 150 -23.66 17.35 12.85
CA ILE A 150 -23.45 17.69 14.29
C ILE A 150 -24.73 18.42 14.72
N ASP A 151 -25.28 17.99 15.86
CA ASP A 151 -26.53 18.59 16.37
C ASP A 151 -27.51 18.71 15.20
N GLY A 152 -27.48 17.71 14.33
CA GLY A 152 -28.40 17.65 13.22
C GLY A 152 -28.16 18.41 11.95
N SER A 153 -27.11 19.22 11.86
CA SER A 153 -26.90 19.91 10.58
C SER A 153 -25.65 19.38 9.85
N GLU A 154 -25.69 19.43 8.53
CA GLU A 154 -24.61 18.94 7.74
C GLU A 154 -23.31 19.65 8.07
N ARG A 155 -22.26 18.89 8.29
CA ARG A 155 -20.96 19.45 8.61
C ARG A 155 -20.02 18.94 7.54
N GLN A 156 -19.20 19.82 6.98
CA GLN A 156 -18.25 19.45 5.94
C GLN A 156 -16.77 19.67 6.23
N ASN A 157 -16.43 20.83 6.76
CA ASN A 157 -15.04 21.12 7.08
C ASN A 157 -14.48 20.11 8.05
N GLY A 158 -13.17 19.88 7.92
CA GLY A 158 -12.46 18.97 8.80
C GLY A 158 -12.71 17.52 8.51
N VAL A 159 -13.30 17.23 7.36
CA VAL A 159 -13.59 15.84 6.98
C VAL A 159 -12.58 15.31 5.99
N LEU A 160 -11.83 14.30 6.37
CA LEU A 160 -10.88 13.66 5.47
C LEU A 160 -11.31 12.20 5.28
N ASN A 161 -11.27 11.73 4.05
CA ASN A 161 -11.69 10.39 3.74
C ASN A 161 -10.56 9.54 3.21
N SER A 162 -10.72 8.22 3.29
CA SER A 162 -9.67 7.33 2.80
C SER A 162 -10.17 5.96 2.34
N TRP A 163 -9.91 5.63 1.08
CA TRP A 163 -10.36 4.36 0.51
C TRP A 163 -9.29 3.27 0.47
N THR A 164 -9.67 2.02 0.68
CA THR A 164 -8.69 0.97 0.62
C THR A 164 -8.69 0.44 -0.80
N ASP A 165 -7.84 -0.52 -1.08
CA ASP A 165 -7.77 -1.10 -2.42
C ASP A 165 -8.73 -2.26 -2.39
N GLN A 166 -9.20 -2.71 -3.55
CA GLN A 166 -10.11 -3.82 -3.58
C GLN A 166 -9.57 -4.95 -2.70
N ASP A 167 -10.42 -5.55 -1.87
CA ASP A 167 -9.98 -6.63 -1.00
C ASP A 167 -9.60 -7.90 -1.79
N SER A 168 -8.43 -8.47 -1.52
CA SER A 168 -7.96 -9.67 -2.19
C SER A 168 -8.74 -10.88 -1.76
N LYS A 169 -9.57 -10.73 -0.74
CA LYS A 169 -10.33 -11.89 -0.23
C LYS A 169 -11.84 -11.95 -0.54
N ASP A 170 -12.52 -10.83 -0.37
CA ASP A 170 -13.95 -10.78 -0.59
C ASP A 170 -14.32 -9.80 -1.71
N SER A 171 -13.27 -9.21 -2.26
CA SER A 171 -13.38 -8.28 -3.36
C SER A 171 -14.11 -6.94 -3.10
N THR A 172 -14.35 -6.64 -1.83
CA THR A 172 -14.97 -5.37 -1.49
C THR A 172 -13.94 -4.21 -1.28
N TYR A 173 -14.53 -3.07 -0.98
CA TYR A 173 -13.89 -1.80 -0.68
C TYR A 173 -14.31 -1.34 0.72
N SER A 174 -13.47 -0.53 1.34
CA SER A 174 -13.78 0.01 2.66
C SER A 174 -13.32 1.43 2.57
N MET A 175 -13.79 2.24 3.51
CA MET A 175 -13.51 3.65 3.53
C MET A 175 -13.70 4.13 4.95
N SER A 176 -12.83 5.05 5.35
CA SER A 176 -12.90 5.62 6.67
C SER A 176 -12.87 7.10 6.43
N SER A 177 -13.78 7.78 7.12
CA SER A 177 -13.97 9.22 7.10
C SER A 177 -13.75 9.73 8.52
N THR A 178 -12.83 10.65 8.67
CA THR A 178 -12.51 11.19 9.96
C THR A 178 -12.80 12.65 9.98
N LEU A 179 -13.58 13.06 10.98
CA LEU A 179 -13.92 14.45 11.17
C LEU A 179 -13.08 14.94 12.33
N THR A 180 -12.18 15.89 12.07
CA THR A 180 -11.37 16.36 13.19
C THR A 180 -11.69 17.77 13.61
N LEU A 181 -11.86 17.98 14.91
CA LEU A 181 -12.08 19.33 15.42
C LEU A 181 -11.16 19.48 16.63
N THR A 182 -11.28 20.61 17.31
CA THR A 182 -10.52 20.93 18.52
C THR A 182 -11.33 20.34 19.65
N LYS A 183 -10.75 20.22 20.84
CA LYS A 183 -11.46 19.71 22.00
C LYS A 183 -12.61 20.64 22.30
N ASP A 184 -12.28 21.92 22.36
CA ASP A 184 -13.28 22.92 22.69
C ASP A 184 -14.49 22.84 21.79
N GLU A 185 -14.26 22.71 20.49
CA GLU A 185 -15.39 22.65 19.53
C GLU A 185 -16.16 21.35 19.69
N TYR A 186 -15.46 20.27 20.05
CA TYR A 186 -16.15 19.02 20.27
C TYR A 186 -17.06 19.03 21.52
N GLU A 187 -16.63 19.62 22.64
CA GLU A 187 -17.56 19.68 23.79
C GLU A 187 -18.67 20.71 23.57
N ARG A 188 -18.44 21.67 22.71
CA ARG A 188 -19.44 22.65 22.44
C ARG A 188 -20.65 21.92 21.82
N HIS A 189 -20.47 20.75 21.19
CA HIS A 189 -21.64 20.04 20.59
C HIS A 189 -22.06 18.76 21.24
N ASN A 190 -23.24 18.28 20.86
CA ASN A 190 -23.78 17.10 21.50
C ASN A 190 -24.03 15.86 20.68
N SER A 191 -24.51 16.04 19.45
CA SER A 191 -24.80 14.87 18.63
C SER A 191 -24.00 14.77 17.33
N TYR A 192 -23.50 13.56 17.09
CA TYR A 192 -22.69 13.24 15.94
C TYR A 192 -23.24 12.12 15.07
N THR A 193 -23.30 12.38 13.76
CA THR A 193 -23.81 11.38 12.83
C THR A 193 -23.03 11.21 11.54
N CYS A 194 -22.97 9.95 11.14
CA CYS A 194 -22.28 9.50 9.93
C CYS A 194 -23.33 8.77 9.01
N GLU A 195 -23.59 9.32 7.83
CA GLU A 195 -24.55 8.72 6.90
C GLU A 195 -23.84 8.28 5.62
N ALA A 196 -24.04 7.03 5.25
CA ALA A 196 -23.45 6.51 4.06
C ALA A 196 -24.60 6.15 3.13
N THR A 197 -24.50 6.74 1.94
CA THR A 197 -25.45 6.57 0.85
C THR A 197 -24.71 5.72 -0.16
N HIS A 198 -25.27 4.55 -0.50
CA HIS A 198 -24.64 3.64 -1.41
C HIS A 198 -25.65 2.93 -2.28
N LYS A 199 -25.18 2.51 -3.44
CA LYS A 199 -25.96 1.84 -4.49
C LYS A 199 -27.00 0.89 -3.92
N THR A 200 -26.63 0.14 -2.88
CA THR A 200 -27.49 -0.86 -2.26
C THR A 200 -28.75 -0.50 -1.49
N SER A 201 -29.13 0.78 -1.42
CA SER A 201 -30.38 1.24 -0.74
C SER A 201 -30.59 2.73 -0.92
N THR A 202 -31.84 3.16 -0.97
CA THR A 202 -32.13 4.59 -1.13
C THR A 202 -32.05 5.30 0.23
N SER A 203 -32.44 4.56 1.27
CA SER A 203 -32.37 5.05 2.63
C SER A 203 -30.90 4.84 3.05
N PRO A 204 -30.15 5.92 3.34
CA PRO A 204 -28.75 5.84 3.75
C PRO A 204 -28.62 5.12 5.04
N ILE A 205 -27.45 4.59 5.34
CA ILE A 205 -27.26 3.92 6.63
C ILE A 205 -26.76 4.99 7.57
N VAL A 206 -27.50 5.22 8.64
CA VAL A 206 -27.14 6.24 9.61
C VAL A 206 -26.61 5.66 10.91
N LYS A 207 -25.52 6.22 11.40
CA LYS A 207 -24.93 5.79 12.66
C LYS A 207 -24.67 7.07 13.42
N SER A 208 -25.02 7.07 14.69
CA SER A 208 -24.77 8.27 15.47
C SER A 208 -24.61 8.00 16.92
N PHE A 209 -24.16 9.00 17.62
CA PHE A 209 -24.03 8.84 19.05
C PHE A 209 -24.29 10.25 19.59
N ASN A 210 -24.74 10.29 20.83
CA ASN A 210 -25.09 11.50 21.51
C ASN A 210 -24.26 11.47 22.79
N ARG A 211 -23.54 12.56 23.06
CA ARG A 211 -22.68 12.60 24.24
C ARG A 211 -23.44 12.50 25.56
N ASN A 212 -24.74 12.70 25.52
CA ASN A 212 -25.52 12.63 26.76
C ASN A 212 -25.72 11.16 27.14
N GLU A 213 -25.91 10.31 26.11
CA GLU A 213 -26.15 8.88 26.26
C GLU A 213 -24.94 8.12 26.82
N CYS A 214 -24.61 6.98 26.24
CA CYS A 214 -23.48 6.22 26.77
C CYS A 214 -22.62 5.56 25.70
N GLN B 1 15.80 -21.62 -0.81
CA GLN B 1 14.77 -20.72 -1.41
C GLN B 1 15.31 -19.28 -1.51
N VAL B 2 15.28 -18.71 -2.72
CA VAL B 2 15.75 -17.36 -2.96
C VAL B 2 15.05 -16.25 -2.15
N HIS B 3 15.81 -15.40 -1.49
CA HIS B 3 15.23 -14.31 -0.73
C HIS B 3 16.03 -13.04 -0.84
N LEU B 4 15.37 -11.91 -1.05
CA LEU B 4 16.09 -10.64 -1.07
C LEU B 4 15.53 -9.76 0.07
N GLN B 5 16.38 -9.46 1.06
CA GLN B 5 15.90 -8.66 2.19
C GLN B 5 16.46 -7.23 2.19
N GLU B 6 15.59 -6.26 1.93
CA GLU B 6 16.07 -4.88 1.91
C GLU B 6 15.99 -4.30 3.28
N SER B 7 16.80 -3.28 3.51
CA SER B 7 16.84 -2.57 4.78
C SER B 7 15.54 -1.76 4.92
N GLY B 8 15.18 -1.40 6.15
CA GLY B 8 13.93 -0.69 6.36
C GLY B 8 13.78 0.71 5.80
N PRO B 9 12.60 1.36 6.03
CA PRO B 9 12.47 2.70 5.48
C PRO B 9 13.40 3.72 6.13
N GLU B 10 13.69 4.78 5.37
CA GLU B 10 14.61 5.86 5.72
C GLU B 10 14.08 7.25 5.56
N LEU B 11 14.50 8.13 6.46
CA LEU B 11 14.11 9.53 6.41
C LEU B 11 15.42 10.28 6.28
N VAL B 12 15.59 11.06 5.21
CA VAL B 12 16.82 11.80 5.11
C VAL B 12 16.68 13.27 4.80
N ARG B 13 17.63 14.03 5.32
CA ARG B 13 17.57 15.44 5.09
C ARG B 13 18.09 15.77 3.68
N PRO B 14 17.59 16.86 3.04
CA PRO B 14 18.08 17.19 1.70
C PRO B 14 19.59 17.34 1.76
N GLY B 15 20.25 16.97 0.68
CA GLY B 15 21.69 17.11 0.63
C GLY B 15 22.57 15.96 1.07
N ALA B 16 22.12 15.07 1.95
CA ALA B 16 22.84 13.91 2.41
C ALA B 16 22.71 12.85 1.35
N SER B 17 23.19 11.66 1.67
CA SER B 17 23.07 10.55 0.77
C SER B 17 22.63 9.42 1.65
N VAL B 18 22.14 8.35 1.03
CA VAL B 18 21.69 7.19 1.79
C VAL B 18 22.19 5.93 1.08
N LYS B 19 22.37 4.86 1.84
CA LYS B 19 22.83 3.60 1.27
C LYS B 19 21.82 2.49 1.61
N ILE B 20 21.14 1.96 0.61
CA ILE B 20 20.17 0.91 0.88
C ILE B 20 20.76 -0.47 0.65
N SER B 21 20.39 -1.40 1.50
CA SER B 21 20.97 -2.72 1.38
C SER B 21 20.03 -3.73 0.85
N CYS B 22 20.59 -4.72 0.16
CA CYS B 22 19.79 -5.81 -0.36
C CYS B 22 20.55 -7.11 -0.11
N LYS B 23 20.16 -7.76 0.99
CA LYS B 23 20.74 -9.02 1.47
C LYS B 23 20.07 -10.23 0.84
N THR B 24 20.85 -10.99 0.13
CA THR B 24 20.36 -12.17 -0.58
C THR B 24 20.74 -13.49 0.08
N SER B 25 19.92 -14.49 -0.17
CA SER B 25 20.26 -15.80 0.35
C SER B 25 19.67 -16.78 -0.67
N GLY B 26 20.10 -18.03 -0.62
CA GLY B 26 19.50 -19.01 -1.49
C GLY B 26 19.87 -19.18 -2.95
N TYR B 27 20.96 -18.57 -3.42
CA TYR B 27 21.40 -18.76 -4.83
C TYR B 27 22.82 -18.19 -4.84
N VAL B 28 23.68 -18.55 -5.79
CA VAL B 28 25.04 -17.99 -5.73
C VAL B 28 25.01 -16.51 -6.09
N PHE B 29 25.31 -15.67 -5.08
CA PHE B 29 25.30 -14.21 -5.20
C PHE B 29 25.92 -13.62 -6.46
N SER B 30 27.22 -13.73 -6.61
CA SER B 30 27.91 -13.17 -7.76
C SER B 30 27.66 -13.77 -9.16
N SER B 31 26.91 -14.86 -9.29
CA SER B 31 26.67 -15.41 -10.62
C SER B 31 25.45 -14.78 -11.33
N SER B 32 24.94 -13.66 -10.80
CA SER B 32 23.76 -13.03 -11.40
C SER B 32 23.65 -11.54 -11.13
N TRP B 33 23.15 -10.81 -12.10
CA TRP B 33 23.05 -9.39 -11.88
C TRP B 33 22.06 -9.03 -10.79
N MET B 34 22.37 -7.92 -10.14
CA MET B 34 21.50 -7.35 -9.18
C MET B 34 21.11 -6.00 -9.78
N ASN B 35 19.80 -5.80 -10.00
CA ASN B 35 19.25 -4.58 -10.53
C ASN B 35 18.58 -3.80 -9.44
N TRP B 36 18.37 -2.51 -9.72
CA TRP B 36 17.65 -1.64 -8.76
C TRP B 36 16.60 -0.86 -9.54
N VAL B 37 15.41 -0.73 -8.93
CA VAL B 37 14.29 0.01 -9.56
C VAL B 37 13.69 1.13 -8.66
N LYS B 38 13.17 2.17 -9.27
CA LYS B 38 12.54 3.24 -8.49
C LYS B 38 11.04 3.41 -8.80
N GLN B 39 10.17 3.21 -7.83
CA GLN B 39 8.74 3.42 -8.04
C GLN B 39 8.28 4.63 -7.20
N ARG B 40 7.93 5.72 -7.86
CA ARG B 40 7.50 6.91 -7.16
C ARG B 40 6.01 6.96 -7.41
N PRO B 41 5.19 6.89 -6.35
CA PRO B 41 3.73 6.93 -6.57
C PRO B 41 3.42 7.95 -7.64
N GLY B 42 2.52 7.59 -8.54
CA GLY B 42 2.21 8.47 -9.67
C GLY B 42 2.86 7.87 -10.90
N GLN B 43 4.17 8.13 -11.04
CA GLN B 43 4.98 7.56 -12.13
C GLN B 43 4.86 6.01 -12.10
N GLY B 44 5.65 5.36 -12.96
CA GLY B 44 5.68 3.90 -13.02
C GLY B 44 7.08 3.46 -12.61
N LEU B 45 7.44 2.21 -12.81
CA LEU B 45 8.78 1.80 -12.42
C LEU B 45 9.85 2.30 -13.38
N LYS B 46 10.95 2.84 -12.88
CA LYS B 46 12.08 3.31 -13.71
C LYS B 46 13.31 2.45 -13.37
N TRP B 47 14.07 2.04 -14.39
CA TRP B 47 15.23 1.20 -14.09
C TRP B 47 16.45 2.07 -13.85
N ILE B 48 17.06 1.88 -12.69
CA ILE B 48 18.23 2.64 -12.27
C ILE B 48 19.48 2.04 -12.83
N GLY B 49 19.67 0.74 -12.58
CA GLY B 49 20.85 0.07 -13.10
C GLY B 49 21.12 -1.33 -12.57
N ARG B 50 22.27 -1.88 -12.91
CA ARG B 50 22.60 -3.21 -12.43
C ARG B 50 24.09 -3.43 -12.20
N ILE B 51 24.40 -4.36 -11.33
CA ILE B 51 25.78 -4.66 -11.05
C ILE B 51 26.01 -6.17 -11.10
N TYR B 52 27.21 -6.61 -11.46
CA TYR B 52 27.47 -8.05 -11.48
C TYR B 52 28.46 -8.25 -10.33
N PRO B 53 27.98 -8.81 -9.20
CA PRO B 53 28.86 -9.02 -8.05
C PRO B 53 30.23 -9.64 -8.35
N GLY B 54 30.25 -10.70 -9.14
CA GLY B 54 31.52 -11.28 -9.46
C GLY B 54 32.66 -10.25 -9.57
N ASN B 55 32.51 -9.27 -10.47
CA ASN B 55 33.56 -8.29 -10.73
C ASN B 55 33.21 -6.82 -10.50
N GLY B 56 31.98 -6.52 -10.11
CA GLY B 56 31.67 -5.11 -9.88
C GLY B 56 31.29 -4.30 -11.09
N ASN B 57 31.10 -5.01 -12.19
CA ASN B 57 30.69 -4.42 -13.46
C ASN B 57 29.30 -3.82 -13.27
N THR B 58 29.09 -2.59 -13.74
CA THR B 58 27.83 -1.89 -13.58
C THR B 58 27.41 -1.29 -14.91
N ASN B 59 26.09 -1.21 -15.13
CA ASN B 59 25.52 -0.61 -16.36
C ASN B 59 24.51 0.29 -15.69
N TYR B 60 24.55 1.59 -15.99
CA TYR B 60 23.62 2.58 -15.40
C TYR B 60 22.68 3.19 -16.42
N ASN B 61 21.45 3.52 -16.00
CA ASN B 61 20.49 4.18 -16.89
C ASN B 61 21.09 5.58 -16.86
N GLU B 62 21.44 6.17 -17.99
CA GLU B 62 22.04 7.50 -18.01
C GLU B 62 21.39 8.52 -17.05
N LYS B 63 20.07 8.40 -16.83
CA LYS B 63 19.33 9.33 -15.95
C LYS B 63 19.63 9.24 -14.47
N PHE B 64 20.26 8.15 -14.05
CA PHE B 64 20.66 7.95 -12.64
C PHE B 64 22.20 7.98 -12.53
N LYS B 65 22.87 8.20 -13.65
CA LYS B 65 24.33 8.31 -13.64
C LYS B 65 24.67 9.43 -12.62
N GLY B 66 25.53 9.15 -11.66
CA GLY B 66 25.83 10.18 -10.67
C GLY B 66 24.95 10.18 -9.41
N LYS B 67 23.64 10.06 -9.58
CA LYS B 67 22.72 10.01 -8.46
C LYS B 67 22.95 8.75 -7.66
N ALA B 68 23.03 7.65 -8.40
CA ALA B 68 23.17 6.33 -7.83
C ALA B 68 24.51 5.63 -8.08
N THR B 69 24.98 4.98 -7.01
CA THR B 69 26.20 4.22 -7.03
C THR B 69 25.96 2.82 -6.52
N LEU B 70 26.25 1.86 -7.37
CA LEU B 70 26.02 0.46 -7.02
C LEU B 70 27.28 -0.26 -6.59
N THR B 71 27.15 -0.99 -5.51
CA THR B 71 28.25 -1.76 -5.01
C THR B 71 27.70 -3.10 -4.51
N ALA B 72 28.60 -4.07 -4.35
CA ALA B 72 28.24 -5.37 -3.86
C ALA B 72 29.37 -5.85 -2.98
N ASP B 73 29.03 -6.81 -2.16
CA ASP B 73 29.99 -7.31 -1.22
C ASP B 73 29.74 -8.80 -1.24
N LYS B 74 30.62 -9.55 -1.91
CA LYS B 74 30.42 -10.99 -2.00
C LYS B 74 30.53 -11.63 -0.65
N SER B 75 31.49 -11.18 0.13
CA SER B 75 31.70 -11.69 1.49
C SER B 75 30.39 -11.88 2.25
N SER B 76 29.48 -10.91 2.15
CA SER B 76 28.18 -11.03 2.82
C SER B 76 26.96 -11.29 1.90
N ASN B 77 27.19 -11.39 0.60
CA ASN B 77 26.14 -11.62 -0.39
C ASN B 77 25.14 -10.50 -0.25
N THR B 78 25.61 -9.26 -0.33
CA THR B 78 24.73 -8.14 -0.15
C THR B 78 25.02 -7.07 -1.16
N ALA B 79 23.96 -6.55 -1.77
CA ALA B 79 24.14 -5.46 -2.72
C ALA B 79 23.73 -4.16 -2.06
N TYR B 80 24.38 -3.09 -2.46
CA TYR B 80 24.03 -1.81 -1.93
C TYR B 80 23.67 -0.79 -3.02
N MET B 81 22.87 0.20 -2.63
CA MET B 81 22.62 1.26 -3.53
C MET B 81 22.80 2.60 -2.81
N GLN B 82 23.73 3.42 -3.27
CA GLN B 82 23.90 4.70 -2.65
C GLN B 82 23.28 5.74 -3.58
N LEU B 83 22.41 6.59 -3.03
CA LEU B 83 21.75 7.69 -3.76
C LEU B 83 22.32 8.90 -3.08
N SER B 84 22.80 9.86 -3.83
CA SER B 84 23.39 10.98 -3.12
C SER B 84 22.83 12.30 -3.58
N SER B 85 23.29 13.39 -2.96
CA SER B 85 22.84 14.73 -3.28
C SER B 85 21.33 14.70 -3.25
N LEU B 86 20.76 14.14 -2.19
CA LEU B 86 19.30 13.92 -2.11
C LEU B 86 18.41 15.13 -2.03
N THR B 87 17.29 15.09 -2.75
CA THR B 87 16.28 16.14 -2.75
C THR B 87 14.89 15.38 -2.77
N SER B 88 13.77 16.10 -2.66
CA SER B 88 12.47 15.45 -2.64
C SER B 88 12.10 14.66 -3.92
N VAL B 89 12.69 14.98 -5.07
CA VAL B 89 12.33 14.17 -6.23
C VAL B 89 12.92 12.79 -6.03
N ASP B 90 13.86 12.60 -5.10
CA ASP B 90 14.37 11.22 -4.84
C ASP B 90 13.47 10.39 -3.88
N SER B 91 12.42 10.99 -3.36
CA SER B 91 11.51 10.31 -2.45
C SER B 91 10.74 9.28 -3.21
N ALA B 92 10.77 8.01 -2.76
CA ALA B 92 10.08 6.92 -3.47
C ALA B 92 10.31 5.50 -2.91
N VAL B 93 9.70 4.49 -3.54
CA VAL B 93 10.00 3.14 -3.08
C VAL B 93 11.14 2.60 -3.99
N TYR B 94 12.17 1.98 -3.39
CA TYR B 94 13.26 1.39 -4.19
C TYR B 94 13.32 -0.13 -4.09
N PHE B 95 13.47 -0.80 -5.23
CA PHE B 95 13.58 -2.27 -5.25
C PHE B 95 14.90 -2.79 -5.81
N CYS B 96 15.31 -3.96 -5.31
CA CYS B 96 16.51 -4.64 -5.80
C CYS B 96 15.87 -5.89 -6.36
N ALA B 97 16.39 -6.35 -7.49
CA ALA B 97 15.84 -7.52 -8.18
C ALA B 97 16.94 -8.15 -9.04
N THR B 98 16.84 -9.43 -9.24
CA THR B 98 17.82 -10.12 -10.00
C THR B 98 17.38 -10.10 -11.46
N SER B 99 18.25 -10.60 -12.34
CA SER B 99 17.87 -10.67 -13.76
C SER B 99 16.86 -11.78 -13.84
N SER B 100 17.18 -12.85 -13.09
CA SER B 100 16.36 -14.06 -12.95
C SER B 100 15.06 -13.73 -12.18
N ALA B 101 14.75 -12.44 -12.11
CA ALA B 101 13.57 -11.88 -11.48
C ALA B 101 13.01 -12.50 -10.18
N TYR B 102 13.63 -12.06 -9.08
CA TYR B 102 13.28 -12.34 -7.69
C TYR B 102 13.38 -10.90 -7.20
N TRP B 103 12.45 -10.43 -6.39
CA TRP B 103 12.51 -9.05 -5.93
C TRP B 103 12.58 -8.87 -4.42
N GLY B 104 13.19 -7.76 -4.03
CA GLY B 104 13.27 -7.37 -2.64
C GLY B 104 11.90 -6.81 -2.31
N GLN B 105 11.63 -6.58 -1.03
CA GLN B 105 10.30 -6.09 -0.63
C GLN B 105 10.15 -4.62 -0.83
N GLY B 106 11.22 -3.95 -1.23
CA GLY B 106 11.08 -2.52 -1.42
C GLY B 106 11.45 -1.72 -0.19
N THR B 107 12.18 -0.63 -0.43
CA THR B 107 12.61 0.28 0.62
C THR B 107 12.02 1.70 0.40
N LEU B 108 11.38 2.23 1.44
CA LEU B 108 10.75 3.54 1.33
C LEU B 108 11.64 4.62 1.86
N LEU B 109 11.96 5.51 0.94
CA LEU B 109 12.84 6.60 1.20
C LEU B 109 12.09 7.95 1.17
N THR B 110 12.24 8.73 2.24
CA THR B 110 11.60 10.05 2.31
C THR B 110 12.68 11.12 2.48
N VAL B 111 12.86 11.99 1.49
CA VAL B 111 13.85 13.06 1.60
C VAL B 111 13.08 14.30 2.07
N SER B 112 13.44 14.86 3.20
CA SER B 112 12.66 16.01 3.65
C SER B 112 13.39 16.70 4.75
N ALA B 113 13.10 18.00 4.94
CA ALA B 113 13.69 18.82 6.00
C ALA B 113 12.87 18.59 7.31
N ALA B 114 11.60 18.24 7.19
CA ALA B 114 10.79 18.02 8.40
C ALA B 114 11.41 16.99 9.34
N LYS B 115 11.17 17.18 10.61
CA LYS B 115 11.72 16.29 11.63
C LYS B 115 10.85 15.10 11.91
N THR B 116 11.42 14.05 12.45
CA THR B 116 10.61 12.91 12.78
C THR B 116 9.55 13.18 13.86
N THR B 117 8.36 12.65 13.64
CA THR B 117 7.29 12.78 14.61
C THR B 117 6.70 11.40 14.82
N PRO B 118 6.75 10.87 16.06
CA PRO B 118 6.19 9.54 16.31
C PRO B 118 4.68 9.68 16.37
N PRO B 119 3.97 8.61 16.04
CA PRO B 119 2.52 8.76 16.09
C PRO B 119 1.92 8.69 17.50
N SER B 120 0.79 9.39 17.65
CA SER B 120 -0.08 9.42 18.85
C SER B 120 -1.18 8.37 18.55
N VAL B 121 -1.16 7.24 19.24
CA VAL B 121 -2.11 6.16 19.01
C VAL B 121 -3.30 6.18 19.95
N TYR B 122 -4.51 6.24 19.40
CA TYR B 122 -5.73 6.30 20.23
C TYR B 122 -6.62 5.14 19.88
N PRO B 123 -7.15 4.47 20.92
CA PRO B 123 -8.04 3.31 20.81
C PRO B 123 -9.39 3.82 20.35
N LEU B 124 -10.20 2.95 19.76
CA LEU B 124 -11.52 3.41 19.28
C LEU B 124 -12.53 2.38 19.73
N ALA B 125 -13.19 2.66 20.84
CA ALA B 125 -14.18 1.75 21.38
C ALA B 125 -15.52 2.29 20.99
N PRO B 126 -16.43 1.39 20.71
CA PRO B 126 -17.76 1.82 20.32
C PRO B 126 -18.50 2.52 21.45
N GLY B 127 -19.42 3.42 21.08
CA GLY B 127 -20.24 4.14 22.04
C GLY B 127 -21.65 3.50 22.15
N ASN B 133 -24.42 -6.77 19.49
CA ASN B 133 -24.55 -7.62 18.27
C ASN B 133 -23.53 -8.72 18.40
N SER B 134 -23.54 -9.64 17.43
CA SER B 134 -22.58 -10.76 17.35
C SER B 134 -21.13 -10.26 17.42
N MET B 135 -20.66 -9.87 16.24
CA MET B 135 -19.33 -9.34 16.00
C MET B 135 -19.41 -7.84 16.33
N VAL B 136 -18.26 -7.24 16.63
CA VAL B 136 -18.18 -5.84 17.00
C VAL B 136 -16.94 -5.24 16.32
N THR B 137 -17.05 -4.04 15.78
CA THR B 137 -15.89 -3.39 15.14
C THR B 137 -15.18 -2.40 16.11
N LEU B 138 -13.85 -2.46 16.12
CA LEU B 138 -13.01 -1.58 16.95
C LEU B 138 -11.94 -0.95 16.04
N GLY B 139 -11.30 0.11 16.50
CA GLY B 139 -10.28 0.72 15.66
C GLY B 139 -9.15 1.37 16.44
N CYS B 140 -8.15 1.87 15.71
CA CYS B 140 -7.04 2.58 16.31
C CYS B 140 -6.80 3.74 15.41
N LEU B 141 -6.63 4.90 16.02
CA LEU B 141 -6.38 6.09 15.24
C LEU B 141 -4.88 6.32 15.44
N VAL B 142 -4.15 6.33 14.34
CA VAL B 142 -2.72 6.51 14.35
C VAL B 142 -2.52 7.94 13.87
N LYS B 143 -2.30 8.87 14.79
CA LYS B 143 -2.29 10.27 14.40
C LYS B 143 -1.05 11.15 14.53
N GLY B 144 -0.98 12.10 13.60
CA GLY B 144 0.08 13.09 13.53
C GLY B 144 1.50 12.60 13.53
N TYR B 145 1.81 11.63 12.68
CA TYR B 145 3.18 11.12 12.61
C TYR B 145 3.81 11.56 11.30
N PHE B 146 5.12 11.30 11.19
CA PHE B 146 5.96 11.63 10.04
C PHE B 146 7.38 11.02 10.11
N PRO B 147 7.88 10.44 9.01
CA PRO B 147 7.30 10.24 7.69
C PRO B 147 6.62 8.88 7.72
N GLU B 148 6.15 8.42 6.57
CA GLU B 148 5.60 7.08 6.38
C GLU B 148 6.89 6.19 6.34
N PRO B 149 6.75 4.86 6.57
CA PRO B 149 5.52 4.13 6.83
C PRO B 149 5.32 3.85 8.32
N VAL B 150 4.21 3.20 8.60
CA VAL B 150 3.91 2.85 9.96
C VAL B 150 3.33 1.48 9.78
N THR B 151 3.55 0.60 10.75
CA THR B 151 3.00 -0.77 10.70
C THR B 151 1.93 -0.94 11.80
N VAL B 152 0.74 -1.32 11.38
CA VAL B 152 -0.30 -1.54 12.32
C VAL B 152 -0.64 -2.98 12.34
N THR B 153 -0.53 -3.53 13.52
CA THR B 153 -0.85 -4.90 13.74
C THR B 153 -1.99 -4.99 14.78
N TRP B 154 -2.61 -6.16 14.91
CA TRP B 154 -3.64 -6.32 15.91
C TRP B 154 -3.26 -7.57 16.67
N ASN B 155 -3.08 -7.43 17.99
CA ASN B 155 -2.67 -8.56 18.82
C ASN B 155 -1.44 -9.17 18.11
N SER B 156 -0.33 -8.43 18.10
CA SER B 156 0.93 -8.88 17.53
C SER B 156 0.81 -9.80 16.32
N GLY B 157 -0.06 -9.45 15.39
CA GLY B 157 -0.18 -10.23 14.18
C GLY B 157 -1.16 -11.34 14.33
N SER B 158 -1.59 -11.55 15.58
CA SER B 158 -2.59 -12.58 15.90
C SER B 158 -3.91 -12.28 15.14
N LEU B 159 -4.59 -11.18 15.47
CA LEU B 159 -5.81 -10.83 14.74
C LEU B 159 -5.43 -10.56 13.29
N SER B 160 -6.02 -11.31 12.36
CA SER B 160 -5.64 -11.16 10.95
C SER B 160 -6.76 -10.85 9.98
N SER B 161 -7.77 -11.71 9.93
CA SER B 161 -8.89 -11.50 9.01
C SER B 161 -9.87 -10.47 9.61
N GLY B 162 -10.46 -9.62 8.76
CA GLY B 162 -11.37 -8.59 9.25
C GLY B 162 -10.68 -7.26 9.58
N VAL B 163 -9.42 -7.12 9.14
CA VAL B 163 -8.68 -5.90 9.37
C VAL B 163 -8.72 -4.92 8.22
N HIS B 164 -8.87 -3.64 8.50
CA HIS B 164 -8.77 -2.66 7.43
C HIS B 164 -7.86 -1.52 7.92
N THR B 165 -6.65 -1.43 7.34
CA THR B 165 -5.73 -0.38 7.71
C THR B 165 -5.77 0.52 6.49
N PHE B 166 -6.28 1.73 6.68
CA PHE B 166 -6.50 2.68 5.60
C PHE B 166 -5.28 3.48 5.24
N PRO B 167 -5.18 3.95 3.99
CA PRO B 167 -4.05 4.75 3.55
C PRO B 167 -4.02 6.04 4.37
N ALA B 168 -2.84 6.41 4.85
CA ALA B 168 -2.64 7.61 5.64
C ALA B 168 -3.03 8.78 4.80
N VAL B 169 -3.39 9.89 5.46
CA VAL B 169 -3.69 11.13 4.75
C VAL B 169 -2.71 12.14 5.30
N LEU B 170 -2.14 12.95 4.42
CA LEU B 170 -1.14 13.95 4.82
C LEU B 170 -1.68 15.35 4.99
N GLN B 171 -1.33 15.93 6.12
CA GLN B 171 -1.79 17.26 6.44
C GLN B 171 -0.90 17.97 7.46
N SER B 172 -0.61 19.23 7.15
CA SER B 172 0.21 20.12 7.95
C SER B 172 1.52 19.46 8.29
N ASP B 173 2.04 18.77 7.27
CA ASP B 173 3.31 18.10 7.35
C ASP B 173 3.27 16.88 8.22
N LEU B 174 2.06 16.39 8.52
CA LEU B 174 1.87 15.16 9.33
C LEU B 174 0.89 14.14 8.75
N TYR B 175 1.15 12.85 8.98
CA TYR B 175 0.31 11.77 8.45
C TYR B 175 -0.67 11.24 9.49
N THR B 176 -1.81 10.74 9.04
CA THR B 176 -2.84 10.16 9.93
C THR B 176 -3.62 9.02 9.28
N LEU B 177 -3.75 7.90 9.93
CA LEU B 177 -4.59 6.82 9.37
C LEU B 177 -5.29 6.14 10.54
N SER B 178 -6.17 5.21 10.24
CA SER B 178 -6.80 4.51 11.29
C SER B 178 -6.89 3.07 10.77
N SER B 179 -7.10 2.12 11.66
CA SER B 179 -7.22 0.77 11.22
C SER B 179 -8.44 0.27 11.95
N SER B 180 -9.25 -0.57 11.31
CA SER B 180 -10.42 -1.09 12.03
C SER B 180 -10.31 -2.59 12.10
N VAL B 181 -10.99 -3.18 13.06
CA VAL B 181 -10.97 -4.62 13.16
C VAL B 181 -12.32 -5.12 13.66
N THR B 182 -12.85 -6.12 12.96
CA THR B 182 -14.11 -6.69 13.36
C THR B 182 -13.88 -8.06 14.06
N VAL B 183 -14.18 -8.14 15.36
CA VAL B 183 -14.06 -9.36 16.16
C VAL B 183 -15.41 -9.76 16.79
N PRO B 184 -15.41 -10.77 17.68
CA PRO B 184 -16.68 -11.19 18.30
C PRO B 184 -17.06 -10.67 19.72
N SER B 185 -18.35 -10.63 20.01
CA SER B 185 -18.84 -10.19 21.31
C SER B 185 -18.14 -10.92 22.49
N SER B 186 -17.86 -12.21 22.27
CA SER B 186 -17.20 -13.07 23.24
C SER B 186 -15.73 -12.67 23.52
N PRO B 187 -14.98 -12.19 22.49
CA PRO B 187 -13.59 -11.78 22.75
C PRO B 187 -13.58 -10.46 23.49
N ARG B 188 -13.96 -9.39 22.80
CA ARG B 188 -13.96 -8.06 23.41
C ARG B 188 -15.38 -7.86 23.90
N PRO B 189 -15.55 -7.23 25.06
CA PRO B 189 -14.49 -6.69 25.92
C PRO B 189 -13.83 -7.72 26.85
N SER B 190 -14.50 -8.85 27.01
CA SER B 190 -14.02 -9.91 27.91
C SER B 190 -12.49 -10.05 27.97
N GLU B 191 -11.86 -10.12 26.81
CA GLU B 191 -10.40 -10.32 26.71
C GLU B 191 -9.66 -9.03 26.40
N THR B 192 -8.32 -9.07 26.47
CA THR B 192 -7.57 -7.87 26.12
C THR B 192 -7.36 -7.87 24.61
N VAL B 193 -7.66 -6.74 23.96
CA VAL B 193 -7.50 -6.58 22.50
C VAL B 193 -6.68 -5.34 22.24
N THR B 194 -5.68 -5.49 21.40
CA THR B 194 -4.74 -4.41 21.17
C THR B 194 -4.43 -4.20 19.74
N CYS B 195 -4.00 -2.98 19.44
CA CYS B 195 -3.50 -2.71 18.11
C CYS B 195 -2.02 -2.33 18.34
N ASN B 196 -1.15 -3.01 17.62
CA ASN B 196 0.27 -2.77 17.71
C ASN B 196 0.68 -1.83 16.54
N VAL B 197 1.22 -0.67 16.89
CA VAL B 197 1.63 0.29 15.91
C VAL B 197 3.13 0.56 16.01
N ALA B 198 3.84 0.39 14.92
CA ALA B 198 5.29 0.66 14.90
C ALA B 198 5.62 1.74 13.89
N HIS B 199 6.54 2.65 14.26
CA HIS B 199 6.97 3.76 13.41
C HIS B 199 8.52 3.89 13.41
N PRO B 200 9.19 3.14 12.49
CA PRO B 200 10.66 3.10 12.33
C PRO B 200 11.43 4.41 12.37
N ALA B 201 11.03 5.41 11.61
CA ALA B 201 11.77 6.66 11.64
C ALA B 201 11.97 7.24 13.05
N SER B 202 11.03 6.98 13.95
CA SER B 202 11.14 7.51 15.29
C SER B 202 11.48 6.45 16.33
N SER B 203 11.80 5.24 15.88
CA SER B 203 12.12 4.18 16.82
C SER B 203 11.03 4.10 17.89
N THR B 204 9.80 3.81 17.49
CA THR B 204 8.75 3.72 18.47
C THR B 204 7.81 2.63 18.10
N LYS B 205 7.34 1.94 19.13
CA LYS B 205 6.40 0.85 19.00
C LYS B 205 5.44 1.07 20.15
N VAL B 206 4.16 1.00 19.84
CA VAL B 206 3.14 1.21 20.84
C VAL B 206 1.99 0.26 20.61
N ASP B 207 1.55 -0.40 21.67
CA ASP B 207 0.42 -1.31 21.58
C ASP B 207 -0.65 -0.52 22.30
N LYS B 208 -1.91 -0.74 21.94
CA LYS B 208 -3.00 -0.02 22.61
C LYS B 208 -4.15 -0.96 22.81
N LYS B 209 -4.53 -1.16 24.06
CA LYS B 209 -5.65 -2.03 24.37
C LYS B 209 -6.92 -1.20 24.21
N ILE B 210 -7.93 -1.82 23.58
CA ILE B 210 -9.23 -1.19 23.35
C ILE B 210 -10.12 -1.54 24.57
N VAL B 211 -10.31 -0.59 25.51
CA VAL B 211 -11.15 -0.86 26.69
C VAL B 211 -12.49 -0.14 26.54
N PRO B 212 -13.60 -0.79 26.98
CA PRO B 212 -14.92 -0.17 26.86
C PRO B 212 -14.95 1.22 27.49
N ARG B 213 -15.70 2.10 26.83
CA ARG B 213 -15.83 3.48 27.29
C ARG B 213 -16.52 3.58 28.63
#